data_3M9V
#
_entry.id   3M9V
#
_cell.length_a   72.948
_cell.length_b   82.487
_cell.length_c   153.220
_cell.angle_alpha   90.00
_cell.angle_beta   90.00
_cell.angle_gamma   90.00
#
_symmetry.space_group_name_H-M   'I 2 2 2'
#
loop_
_entity.id
_entity.type
_entity.pdbx_description
1 polymer 'FAD-dependent oxidoreductase'
2 non-polymer "THYMIDINE-5'-DIPHOSPHATE"
3 water water
#
_entity_poly.entity_id   1
_entity_poly.type   'polypeptide(L)'
_entity_poly.pdbx_seq_one_letter_code
;GHMPPWTARQDSTTGLYAPVTPAGRVLLDRLAAHLPRIRSTAAEHDRDGTFPTDTFDALRKDGLMGATVPAELGGLGVDR
LYDVAVALLAVARADASTALALHMQLSRGLTLGYEWRHGDERARTLAERILRGMVAGDAVVCSGIKDHHTAVTTLRPDGA
GGWLLSGRKTLVSMAPVGTHFVINARTDGTDGPPRLASPVVTRDTPGFTVLDNWDGLGMRASGTVDIVFDDCPIPADHVL
MRDPVGARNDAVLAGQTVSSVSVLGVYVGVAQAAYDTAVAALERRPEPPQAAALTLVAEIDSRLYALRATAGSALTAADA
LSADLSGDMDERGRQMMRHFQCAKLAVNRLAPEIVSDCLSLVGGASYTAGHPLARLLRDVQAGRFMQPYAYVDAVDFLSA
QALGIERDNNYMSTWAKRSGGNGKSADAAGPRRPTPTSR
;
_entity_poly.pdbx_strand_id   A
#
loop_
_chem_comp.id
_chem_comp.type
_chem_comp.name
_chem_comp.formula
TYD non-polymer THYMIDINE-5'-DIPHOSPHATE 'C10 H16 N2 O11 P2'
#
# COMPACT_ATOMS: atom_id res chain seq x y z
N SER A 12 -10.05 -5.46 21.79
CA SER A 12 -10.47 -4.32 20.90
C SER A 12 -10.72 -4.79 19.47
N THR A 13 -11.91 -4.54 18.96
CA THR A 13 -12.23 -4.93 17.59
C THR A 13 -12.52 -3.69 16.74
N THR A 14 -12.24 -2.51 17.27
CA THR A 14 -12.50 -1.29 16.51
C THR A 14 -11.31 -0.35 16.40
N GLY A 15 -11.42 0.64 15.51
CA GLY A 15 -10.51 1.77 15.46
C GLY A 15 -9.07 1.48 15.10
N LEU A 16 -8.78 0.25 14.62
CA LEU A 16 -7.39 -0.18 14.42
C LEU A 16 -6.56 -0.07 15.70
N TYR A 17 -7.16 -0.21 16.88
CA TYR A 17 -6.38 -0.06 18.11
C TYR A 17 -5.53 -1.29 18.40
N ALA A 18 -5.84 -2.45 17.82
CA ALA A 18 -5.15 -3.70 18.18
C ALA A 18 -5.49 -4.75 17.14
N PRO A 19 -4.57 -5.69 16.88
CA PRO A 19 -4.84 -6.70 15.85
C PRO A 19 -5.92 -7.63 16.37
N VAL A 20 -6.70 -8.27 15.50
CA VAL A 20 -7.78 -9.08 16.00
C VAL A 20 -7.50 -10.58 15.88
N THR A 21 -6.32 -10.97 15.38
CA THR A 21 -6.03 -12.40 15.35
C THR A 21 -4.66 -12.68 15.93
N PRO A 22 -4.42 -13.94 16.37
CA PRO A 22 -3.11 -14.29 16.93
C PRO A 22 -1.98 -14.00 15.93
N ALA A 23 -2.13 -14.34 14.66
CA ALA A 23 -1.02 -14.02 13.77
C ALA A 23 -0.76 -12.51 13.64
N GLY A 24 -1.85 -11.74 13.70
CA GLY A 24 -1.76 -10.29 13.61
C GLY A 24 -0.96 -9.81 14.81
N ARG A 25 -1.24 -10.36 15.98
CA ARG A 25 -0.46 -9.94 17.16
C ARG A 25 1.03 -10.22 17.06
N VAL A 26 1.36 -11.42 16.61
CA VAL A 26 2.78 -11.78 16.39
C VAL A 26 3.47 -10.82 15.43
N LEU A 27 2.85 -10.58 14.28
CA LEU A 27 3.31 -9.54 13.35
C LEU A 27 3.63 -8.21 14.03
N LEU A 28 2.69 -7.67 14.79
CA LEU A 28 2.94 -6.41 15.48
C LEU A 28 4.03 -6.52 16.54
N ASP A 29 4.06 -7.63 17.28
CA ASP A 29 5.15 -7.78 18.26
C ASP A 29 6.52 -7.79 17.57
N ARG A 30 6.63 -8.50 16.45
CA ARG A 30 7.92 -8.69 15.78
C ARG A 30 8.37 -7.38 15.16
N LEU A 31 7.41 -6.61 14.65
CA LEU A 31 7.74 -5.31 14.07
C LEU A 31 8.34 -4.36 15.08
N ALA A 32 7.97 -4.52 16.36
CA ALA A 32 8.41 -3.54 17.35
C ALA A 32 9.93 -3.41 17.38
N ALA A 33 10.66 -4.52 17.26
CA ALA A 33 12.12 -4.47 17.23
C ALA A 33 12.71 -3.53 16.19
N HIS A 34 11.98 -3.36 15.09
CA HIS A 34 12.47 -2.57 13.96
C HIS A 34 12.07 -1.11 14.05
N LEU A 35 11.04 -0.80 14.83
CA LEU A 35 10.64 0.61 14.92
C LEU A 35 11.75 1.60 15.22
N PRO A 36 12.60 1.31 16.22
CA PRO A 36 13.64 2.31 16.52
C PRO A 36 14.57 2.64 15.37
N ARG A 37 14.97 1.69 14.52
CA ARG A 37 15.78 2.07 13.35
C ARG A 37 14.98 2.90 12.33
N ILE A 38 13.73 2.48 12.12
CA ILE A 38 12.85 3.18 11.20
C ILE A 38 12.67 4.65 11.57
N ARG A 39 12.41 4.92 12.83
CA ARG A 39 12.28 6.31 13.28
C ARG A 39 13.59 7.07 13.18
N SER A 40 14.69 6.37 13.45
CA SER A 40 15.98 7.02 13.58
CA SER A 40 15.94 7.10 13.59
C SER A 40 16.46 7.53 12.23
N THR A 41 16.26 6.73 11.18
CA THR A 41 16.81 7.15 9.89
C THR A 41 15.84 7.92 9.00
N ALA A 42 14.62 8.14 9.48
CA ALA A 42 13.57 8.73 8.63
C ALA A 42 13.95 10.09 8.07
N ALA A 43 14.49 10.97 8.92
CA ALA A 43 14.75 12.35 8.49
C ALA A 43 15.82 12.40 7.39
N GLU A 44 16.84 11.56 7.53
CA GLU A 44 17.94 11.59 6.56
C GLU A 44 17.38 11.09 5.23
N HIS A 45 16.61 10.01 5.23
CA HIS A 45 16.12 9.49 3.94
C HIS A 45 15.14 10.44 3.24
N ASP A 46 14.34 11.13 4.02
CA ASP A 46 13.48 12.17 3.45
C ASP A 46 14.27 13.32 2.85
N ARG A 47 15.27 13.79 3.58
CA ARG A 47 16.09 14.89 3.09
C ARG A 47 16.72 14.47 1.77
N ASP A 48 17.40 13.33 1.75
CA ASP A 48 18.12 12.94 0.54
C ASP A 48 17.25 12.25 -0.51
N GLY A 49 16.04 11.78 -0.18
CA GLY A 49 15.20 11.14 -1.19
C GLY A 49 15.66 9.72 -1.49
N THR A 50 16.14 8.98 -0.48
CA THR A 50 16.78 7.71 -0.76
C THR A 50 16.03 6.62 -0.01
N PHE A 51 16.05 5.43 -0.58
CA PHE A 51 15.23 4.34 -0.08
C PHE A 51 15.98 3.69 1.12
N PRO A 52 15.27 3.31 2.19
CA PRO A 52 16.02 2.77 3.33
C PRO A 52 16.34 1.28 3.12
N THR A 53 17.37 0.95 2.32
CA THR A 53 17.60 -0.44 1.94
CA THR A 53 17.64 -0.43 1.94
C THR A 53 17.92 -1.28 3.18
N ASP A 54 18.54 -0.68 4.19
CA ASP A 54 18.89 -1.45 5.39
C ASP A 54 17.69 -1.86 6.25
N THR A 55 16.65 -1.03 6.24
CA THR A 55 15.47 -1.45 6.98
C THR A 55 14.90 -2.70 6.31
N PHE A 56 14.87 -2.67 4.98
CA PHE A 56 14.29 -3.80 4.26
C PHE A 56 15.16 -5.03 4.33
N ASP A 57 16.48 -4.84 4.36
CA ASP A 57 17.31 -6.02 4.62
C ASP A 57 16.95 -6.65 5.96
N ALA A 58 16.79 -5.86 7.01
CA ALA A 58 16.41 -6.46 8.29
C ALA A 58 15.04 -7.15 8.29
N LEU A 59 14.05 -6.61 7.57
CA LEU A 59 12.72 -7.22 7.61
C LEU A 59 12.74 -8.56 6.86
N ARG A 60 13.51 -8.58 5.77
CA ARG A 60 13.70 -9.79 4.96
C ARG A 60 14.26 -10.93 5.80
N LYS A 61 15.38 -10.69 6.48
CA LYS A 61 16.03 -11.79 7.16
C LYS A 61 15.24 -12.18 8.41
N ASP A 62 14.42 -11.26 8.92
CA ASP A 62 13.59 -11.53 10.09
C ASP A 62 12.30 -12.23 9.67
N GLY A 63 12.14 -12.50 8.38
CA GLY A 63 10.91 -13.10 7.88
C GLY A 63 9.63 -12.27 7.82
N LEU A 64 9.67 -10.99 8.20
CA LEU A 64 8.45 -10.19 8.17
C LEU A 64 7.97 -9.88 6.74
N MET A 65 8.85 -10.06 5.76
CA MET A 65 8.47 -9.92 4.35
C MET A 65 7.59 -11.07 3.88
N GLY A 66 7.47 -12.08 4.73
CA GLY A 66 6.55 -13.20 4.52
C GLY A 66 5.36 -13.23 5.47
N ALA A 67 5.04 -12.08 6.08
CA ALA A 67 4.02 -12.09 7.13
C ALA A 67 2.67 -12.54 6.60
N THR A 68 2.36 -12.18 5.37
CA THR A 68 1.04 -12.50 4.81
C THR A 68 1.07 -13.73 3.88
N VAL A 69 2.16 -14.47 3.91
CA VAL A 69 2.20 -15.76 3.23
C VAL A 69 1.47 -16.79 4.10
N PRO A 70 0.64 -17.65 3.51
CA PRO A 70 -0.09 -18.70 4.24
C PRO A 70 0.84 -19.52 5.15
N ALA A 71 0.42 -19.84 6.37
CA ALA A 71 1.26 -20.71 7.18
C ALA A 71 1.58 -22.05 6.50
N GLU A 72 0.66 -22.58 5.70
CA GLU A 72 0.95 -23.77 4.90
C GLU A 72 2.30 -23.63 4.19
N LEU A 73 2.71 -22.43 3.80
CA LEU A 73 3.92 -22.30 3.00
C LEU A 73 5.08 -21.81 3.83
N GLY A 74 4.88 -21.76 5.15
CA GLY A 74 5.91 -21.30 6.07
C GLY A 74 5.84 -19.84 6.47
N GLY A 75 4.79 -19.13 6.05
CA GLY A 75 4.62 -17.74 6.45
C GLY A 75 3.94 -17.58 7.80
N LEU A 76 3.86 -16.36 8.32
CA LEU A 76 3.10 -16.13 9.55
C LEU A 76 1.62 -16.35 9.36
N GLY A 77 1.12 -16.37 8.13
CA GLY A 77 -0.31 -16.57 7.96
C GLY A 77 -1.22 -15.40 8.33
N VAL A 78 -0.71 -14.16 8.37
CA VAL A 78 -1.60 -13.02 8.53
C VAL A 78 -2.55 -12.99 7.34
N ASP A 79 -3.85 -13.03 7.59
CA ASP A 79 -4.77 -13.04 6.47
C ASP A 79 -5.90 -12.05 6.63
N ARG A 80 -5.91 -11.21 7.67
CA ARG A 80 -6.90 -10.11 7.70
C ARG A 80 -6.34 -8.78 7.22
N LEU A 81 -7.10 -8.11 6.35
CA LEU A 81 -6.71 -6.76 5.97
C LEU A 81 -6.63 -5.84 7.19
N TYR A 82 -7.54 -6.07 8.12
CA TYR A 82 -7.62 -5.24 9.31
C TYR A 82 -6.28 -5.39 10.02
N ASP A 83 -5.76 -6.60 10.21
CA ASP A 83 -4.50 -6.66 10.92
C ASP A 83 -3.32 -6.12 10.14
N VAL A 84 -3.34 -6.25 8.81
CA VAL A 84 -2.28 -5.66 8.03
C VAL A 84 -2.33 -4.14 8.22
N ALA A 85 -3.53 -3.56 8.25
CA ALA A 85 -3.60 -2.09 8.42
C ALA A 85 -3.10 -1.70 9.82
N VAL A 86 -3.33 -2.55 10.83
CA VAL A 86 -2.89 -2.20 12.19
C VAL A 86 -1.36 -2.19 12.23
N ALA A 87 -0.73 -3.14 11.54
CA ALA A 87 0.73 -3.11 11.43
C ALA A 87 1.30 -1.94 10.63
N LEU A 88 0.67 -1.62 9.49
CA LEU A 88 1.09 -0.44 8.70
C LEU A 88 0.98 0.86 9.49
N LEU A 89 -0.10 1.00 10.26
CA LEU A 89 -0.27 2.16 11.12
C LEU A 89 0.93 2.30 12.08
N ALA A 90 1.29 1.21 12.76
CA ALA A 90 2.44 1.28 13.69
C ALA A 90 3.73 1.66 12.94
N VAL A 91 3.94 1.09 11.75
CA VAL A 91 5.13 1.47 10.99
C VAL A 91 5.08 2.94 10.54
N ALA A 92 3.92 3.38 10.07
CA ALA A 92 3.77 4.76 9.61
C ALA A 92 3.99 5.80 10.70
N ARG A 93 3.67 5.48 11.96
CA ARG A 93 3.96 6.46 13.00
C ARG A 93 5.46 6.66 13.09
N ALA A 94 6.24 5.66 12.71
CA ALA A 94 7.69 5.83 12.59
C ALA A 94 8.16 6.44 11.26
N ASP A 95 7.62 5.99 10.12
CA ASP A 95 7.99 6.62 8.88
C ASP A 95 6.98 6.13 7.83
N ALA A 96 6.31 7.08 7.20
CA ALA A 96 5.21 6.76 6.32
C ALA A 96 5.71 6.14 5.00
N SER A 97 6.85 6.63 4.50
CA SER A 97 7.44 6.04 3.29
C SER A 97 7.74 4.56 3.50
N THR A 98 8.28 4.19 4.65
CA THR A 98 8.56 2.76 4.85
C THR A 98 7.29 1.95 4.87
N ALA A 99 6.26 2.49 5.52
CA ALA A 99 4.97 1.81 5.57
C ALA A 99 4.38 1.63 4.17
N LEU A 100 4.51 2.64 3.32
CA LEU A 100 3.84 2.65 2.02
C LEU A 100 4.52 1.54 1.18
N ALA A 101 5.86 1.50 1.23
CA ALA A 101 6.58 0.42 0.56
C ALA A 101 6.24 -0.93 1.14
N LEU A 102 6.28 -1.10 2.47
CA LEU A 102 5.85 -2.37 3.06
C LEU A 102 4.45 -2.85 2.68
N HIS A 103 3.48 -1.96 2.60
CA HIS A 103 2.14 -2.32 2.15
C HIS A 103 2.18 -3.08 0.82
N MET A 104 3.06 -2.71 -0.12
CA MET A 104 3.06 -3.37 -1.46
C MET A 104 3.44 -4.84 -1.26
N GLN A 105 4.41 -5.10 -0.38
CA GLN A 105 4.76 -6.50 -0.13
C GLN A 105 3.66 -7.28 0.58
N LEU A 106 3.14 -6.72 1.67
CA LEU A 106 2.13 -7.41 2.46
C LEU A 106 0.85 -7.67 1.67
N SER A 107 0.39 -6.69 0.91
CA SER A 107 -0.87 -6.97 0.25
C SER A 107 -0.67 -7.93 -0.91
N ARG A 108 0.50 -7.90 -1.56
CA ARG A 108 0.81 -8.93 -2.55
C ARG A 108 0.81 -10.35 -1.96
N GLY A 109 1.21 -10.50 -0.70
CA GLY A 109 1.07 -11.77 0.01
C GLY A 109 -0.36 -12.29 -0.01
N LEU A 110 -1.30 -11.39 0.22
CA LEU A 110 -2.72 -11.69 0.21
C LEU A 110 -3.29 -11.98 -1.17
N THR A 111 -2.92 -11.24 -2.21
CA THR A 111 -3.57 -11.58 -3.48
C THR A 111 -2.89 -12.80 -4.13
N LEU A 112 -1.60 -13.02 -3.87
CA LEU A 112 -0.95 -14.22 -4.38
C LEU A 112 -1.49 -15.44 -3.66
N GLY A 113 -1.75 -15.31 -2.35
CA GLY A 113 -2.39 -16.35 -1.57
C GLY A 113 -3.76 -16.77 -2.12
N TYR A 114 -4.45 -15.82 -2.74
CA TYR A 114 -5.72 -16.17 -3.34
C TYR A 114 -5.53 -16.82 -4.72
N GLU A 115 -4.50 -16.42 -5.45
CA GLU A 115 -4.17 -17.10 -6.70
C GLU A 115 -3.80 -18.56 -6.43
N TRP A 116 -2.94 -18.74 -5.43
CA TRP A 116 -2.54 -20.05 -4.95
C TRP A 116 -3.71 -21.00 -4.64
N ARG A 117 -4.74 -20.50 -3.97
CA ARG A 117 -5.87 -21.33 -3.53
C ARG A 117 -6.96 -21.43 -4.59
N HIS A 118 -7.07 -20.48 -5.52
CA HIS A 118 -8.17 -20.50 -6.48
C HIS A 118 -7.77 -20.35 -7.94
N GLY A 119 -6.48 -20.36 -8.23
CA GLY A 119 -6.08 -20.19 -9.61
C GLY A 119 -6.02 -21.55 -10.28
N ASP A 120 -5.88 -21.55 -11.61
CA ASP A 120 -5.59 -22.79 -12.33
C ASP A 120 -4.12 -23.08 -12.11
N GLU A 121 -3.61 -24.13 -12.76
CA GLU A 121 -2.41 -24.75 -12.23
C GLU A 121 -1.22 -23.84 -12.53
N ARG A 122 -1.37 -23.08 -13.60
CA ARG A 122 -0.33 -22.13 -13.99
C ARG A 122 -0.16 -21.07 -12.89
N ALA A 123 -1.26 -20.40 -12.52
CA ALA A 123 -1.28 -19.40 -11.46
C ALA A 123 -0.81 -19.96 -10.12
N ARG A 124 -1.39 -21.10 -9.72
CA ARG A 124 -1.04 -21.69 -8.43
C ARG A 124 0.43 -22.00 -8.28
N THR A 125 1.03 -22.57 -9.33
CA THR A 125 2.44 -22.99 -9.33
C THR A 125 3.31 -21.75 -9.20
N LEU A 126 3.00 -20.74 -10.01
CA LEU A 126 3.78 -19.51 -10.03
C LEU A 126 3.63 -18.76 -8.71
N ALA A 127 2.39 -18.56 -8.27
CA ALA A 127 2.08 -17.96 -6.97
C ALA A 127 2.83 -18.66 -5.85
N GLU A 128 2.80 -20.00 -5.87
CA GLU A 128 3.48 -20.80 -4.83
C GLU A 128 5.00 -20.55 -4.79
N ARG A 129 5.60 -20.50 -5.98
CA ARG A 129 7.03 -20.23 -6.02
C ARG A 129 7.35 -18.86 -5.43
N ILE A 130 6.60 -17.84 -5.86
CA ILE A 130 6.88 -16.51 -5.32
C ILE A 130 6.70 -16.40 -3.79
N LEU A 131 5.60 -16.97 -3.30
CA LEU A 131 5.22 -16.94 -1.90
C LEU A 131 6.29 -17.61 -1.02
N ARG A 132 6.80 -18.79 -1.38
CA ARG A 132 7.92 -19.30 -0.58
C ARG A 132 9.14 -18.42 -0.75
N GLY A 133 9.35 -17.86 -1.94
CA GLY A 133 10.35 -16.80 -1.99
C GLY A 133 10.24 -15.71 -0.93
N MET A 134 9.01 -15.23 -0.72
CA MET A 134 8.81 -14.06 0.14
C MET A 134 9.21 -14.44 1.57
N VAL A 135 8.86 -15.65 1.96
CA VAL A 135 9.19 -16.06 3.33
C VAL A 135 10.70 -16.14 3.53
N ALA A 136 11.36 -16.67 2.51
CA ALA A 136 12.78 -16.99 2.60
C ALA A 136 13.60 -15.71 2.66
N GLY A 137 13.00 -14.58 2.29
CA GLY A 137 13.78 -13.37 2.11
C GLY A 137 14.29 -13.17 0.70
N ASP A 138 13.94 -14.06 -0.24
CA ASP A 138 14.45 -13.92 -1.59
C ASP A 138 13.56 -13.18 -2.57
N ALA A 139 12.29 -12.97 -2.26
CA ALA A 139 11.41 -12.34 -3.22
C ALA A 139 10.82 -11.05 -2.66
N VAL A 140 11.06 -9.93 -3.32
CA VAL A 140 10.49 -8.63 -2.92
C VAL A 140 9.64 -8.18 -4.10
N VAL A 141 8.33 -8.15 -3.91
CA VAL A 141 7.38 -8.09 -5.01
C VAL A 141 6.70 -6.72 -5.18
N CYS A 142 7.03 -6.04 -6.28
CA CYS A 142 6.51 -4.72 -6.59
C CYS A 142 5.42 -4.86 -7.63
N SER A 143 4.58 -3.83 -7.75
CA SER A 143 3.42 -3.88 -8.66
C SER A 143 3.55 -2.71 -9.61
N GLY A 144 3.58 -2.97 -10.91
CA GLY A 144 3.76 -1.89 -11.87
C GLY A 144 2.39 -1.82 -12.53
N ILE A 145 1.63 -0.82 -12.12
CA ILE A 145 0.22 -0.74 -12.48
C ILE A 145 -0.04 0.32 -13.54
N LYS A 146 0.44 1.53 -13.31
CA LYS A 146 0.05 2.65 -14.16
C LYS A 146 1.06 2.95 -15.26
N ASP A 147 0.56 2.95 -16.50
CA ASP A 147 1.37 3.29 -17.64
C ASP A 147 1.88 4.71 -17.56
N HIS A 148 3.16 4.91 -17.84
CA HIS A 148 3.69 6.25 -18.13
C HIS A 148 3.02 6.87 -19.36
N HIS A 149 2.96 8.20 -19.48
CA HIS A 149 2.12 8.77 -20.53
C HIS A 149 2.63 8.52 -21.95
N THR A 150 3.94 8.38 -22.11
CA THR A 150 4.53 8.04 -23.41
C THR A 150 4.33 6.60 -23.93
N ALA A 151 3.65 5.73 -23.20
CA ALA A 151 3.73 4.28 -23.49
C ALA A 151 2.47 3.52 -23.11
N VAL A 152 2.11 2.51 -23.90
CA VAL A 152 1.11 1.55 -23.47
C VAL A 152 1.71 0.15 -23.34
N THR A 153 1.76 -0.37 -22.11
CA THR A 153 2.62 -1.52 -21.86
C THR A 153 1.95 -2.75 -22.46
N THR A 154 2.62 -3.40 -23.42
CA THR A 154 1.97 -4.45 -24.21
C THR A 154 2.82 -5.71 -24.25
N LEU A 155 2.17 -6.86 -24.26
CA LEU A 155 2.84 -8.14 -24.38
C LEU A 155 2.63 -8.65 -25.80
N ARG A 156 3.72 -9.07 -26.45
CA ARG A 156 3.70 -9.46 -27.86
C ARG A 156 4.23 -10.89 -27.90
N PRO A 157 3.60 -11.75 -28.73
CA PRO A 157 4.05 -13.15 -28.68
C PRO A 157 5.46 -13.22 -29.26
N ASP A 158 6.33 -14.09 -28.75
CA ASP A 158 7.68 -14.08 -29.32
C ASP A 158 7.84 -14.99 -30.54
N GLY A 159 6.75 -15.56 -31.06
CA GLY A 159 6.88 -16.51 -32.16
C GLY A 159 7.17 -17.94 -31.76
N ALA A 160 7.68 -18.20 -30.56
CA ALA A 160 8.01 -19.56 -30.13
C ALA A 160 7.25 -19.97 -28.89
N GLY A 161 6.08 -19.40 -28.65
CA GLY A 161 5.35 -19.77 -27.45
C GLY A 161 5.54 -18.95 -26.18
N GLY A 162 6.40 -17.93 -26.23
CA GLY A 162 6.55 -17.03 -25.09
C GLY A 162 6.20 -15.61 -25.49
N TRP A 163 6.70 -14.60 -24.78
CA TRP A 163 6.28 -13.21 -25.00
C TRP A 163 7.43 -12.21 -24.85
N LEU A 164 7.17 -11.01 -25.34
CA LEU A 164 8.11 -9.92 -25.24
C LEU A 164 7.26 -8.76 -24.70
N LEU A 165 7.82 -8.08 -23.71
CA LEU A 165 7.07 -7.08 -22.95
C LEU A 165 7.74 -5.75 -23.26
N SER A 166 6.98 -4.78 -23.74
CA SER A 166 7.51 -3.43 -23.87
CA SER A 166 7.54 -3.44 -23.79
C SER A 166 6.61 -2.38 -23.24
N GLY A 167 7.21 -1.34 -22.68
CA GLY A 167 6.40 -0.26 -22.12
C GLY A 167 7.18 0.38 -20.98
N ARG A 168 6.43 1.00 -20.09
CA ARG A 168 7.01 1.72 -18.97
C ARG A 168 5.91 1.95 -17.95
N LYS A 169 6.20 1.63 -16.68
CA LYS A 169 5.18 1.88 -15.66
C LYS A 169 5.73 2.93 -14.71
N THR A 170 4.83 3.66 -14.08
CA THR A 170 5.26 4.79 -13.27
C THR A 170 4.82 4.57 -11.82
N LEU A 171 5.46 5.27 -10.89
CA LEU A 171 5.03 5.28 -9.49
C LEU A 171 5.09 3.88 -8.90
N VAL A 172 6.22 3.20 -9.11
CA VAL A 172 6.32 1.82 -8.63
C VAL A 172 7.05 1.81 -7.30
N SER A 173 6.32 1.86 -6.18
CA SER A 173 6.98 1.94 -4.87
C SER A 173 7.79 0.68 -4.52
N MET A 174 8.86 0.86 -3.75
CA MET A 174 9.70 -0.28 -3.33
C MET A 174 10.59 -0.81 -4.46
N ALA A 175 10.44 -0.25 -5.66
CA ALA A 175 11.20 -0.75 -6.81
C ALA A 175 12.71 -0.91 -6.57
N PRO A 176 13.30 -0.02 -5.77
CA PRO A 176 14.75 -0.15 -5.61
C PRO A 176 15.24 -1.48 -5.06
N VAL A 177 14.44 -2.19 -4.27
CA VAL A 177 14.90 -3.47 -3.74
C VAL A 177 14.07 -4.59 -4.37
N GLY A 178 13.30 -4.28 -5.40
CA GLY A 178 12.33 -5.25 -5.91
C GLY A 178 13.10 -6.33 -6.67
N THR A 179 12.67 -7.58 -6.57
CA THR A 179 13.32 -8.68 -7.27
C THR A 179 12.33 -9.17 -8.31
N HIS A 180 11.03 -9.00 -8.02
CA HIS A 180 10.00 -9.49 -8.93
C HIS A 180 8.96 -8.39 -9.11
N PHE A 181 8.45 -8.20 -10.32
CA PHE A 181 7.57 -7.06 -10.62
C PHE A 181 6.35 -7.63 -11.33
N VAL A 182 5.19 -7.53 -10.68
CA VAL A 182 3.93 -7.92 -11.32
C VAL A 182 3.41 -6.73 -12.11
N ILE A 183 3.17 -6.90 -13.41
CA ILE A 183 2.99 -5.77 -14.30
C ILE A 183 1.61 -5.91 -14.92
N ASN A 184 0.82 -4.84 -14.93
CA ASN A 184 -0.45 -4.89 -15.62
C ASN A 184 -0.24 -4.57 -17.09
N ALA A 185 -0.58 -5.49 -17.98
CA ALA A 185 -0.26 -5.24 -19.38
C ALA A 185 -1.45 -5.74 -20.18
N ARG A 186 -1.47 -5.44 -21.48
CA ARG A 186 -2.45 -6.07 -22.39
C ARG A 186 -1.72 -6.81 -23.52
N THR A 187 -2.28 -7.90 -24.02
CA THR A 187 -1.67 -8.53 -25.18
C THR A 187 -1.81 -7.74 -26.48
N ASP A 188 -1.06 -8.23 -27.46
CA ASP A 188 -1.10 -7.79 -28.84
C ASP A 188 -0.29 -8.68 -29.78
N GLY A 189 -0.69 -9.95 -29.80
CA GLY A 189 -0.29 -10.88 -30.84
C GLY A 189 -1.30 -11.02 -31.95
N GLY A 192 -6.41 -14.33 -30.79
CA GLY A 192 -7.56 -13.75 -30.11
C GLY A 192 -7.61 -12.23 -30.19
N PRO A 193 -8.55 -11.62 -29.45
CA PRO A 193 -8.65 -10.18 -29.29
C PRO A 193 -7.88 -9.82 -28.02
N PRO A 194 -7.53 -8.53 -27.86
CA PRO A 194 -6.64 -8.17 -26.76
C PRO A 194 -7.19 -8.67 -25.43
N ARG A 195 -6.29 -9.13 -24.56
CA ARG A 195 -6.66 -9.49 -23.19
C ARG A 195 -5.69 -8.82 -22.23
N LEU A 196 -6.14 -8.73 -20.98
CA LEU A 196 -5.32 -8.20 -19.90
C LEU A 196 -4.52 -9.38 -19.38
N ALA A 197 -3.27 -9.10 -19.00
CA ALA A 197 -2.35 -10.17 -18.63
C ALA A 197 -1.49 -9.60 -17.52
N SER A 198 -1.08 -10.48 -16.60
CA SER A 198 -0.14 -10.03 -15.59
C SER A 198 1.19 -10.76 -15.72
N PRO A 199 2.07 -10.30 -16.60
CA PRO A 199 3.38 -10.96 -16.64
C PRO A 199 4.16 -10.65 -15.36
N VAL A 200 4.98 -11.59 -14.90
CA VAL A 200 5.88 -11.32 -13.79
C VAL A 200 7.29 -11.22 -14.35
N VAL A 201 7.94 -10.06 -14.24
CA VAL A 201 9.32 -9.85 -14.66
C VAL A 201 10.27 -9.85 -13.46
N THR A 202 11.43 -10.48 -13.58
CA THR A 202 12.38 -10.49 -12.47
C THR A 202 13.46 -9.47 -12.80
N ARG A 203 14.21 -9.10 -11.77
CA ARG A 203 15.07 -7.94 -11.95
C ARG A 203 16.18 -8.18 -12.97
N ASP A 204 16.63 -9.42 -13.11
CA ASP A 204 17.73 -9.67 -14.02
C ASP A 204 17.25 -9.99 -15.44
N THR A 205 16.00 -9.71 -15.81
CA THR A 205 15.54 -9.94 -17.18
C THR A 205 16.13 -8.91 -18.13
N PRO A 206 16.57 -9.35 -19.32
CA PRO A 206 17.20 -8.43 -20.26
C PRO A 206 16.19 -7.37 -20.73
N GLY A 207 16.62 -6.13 -20.98
CA GLY A 207 15.65 -5.12 -21.37
C GLY A 207 14.93 -4.40 -20.22
N PHE A 208 15.15 -4.85 -19.00
CA PHE A 208 14.44 -4.37 -17.81
C PHE A 208 15.29 -3.33 -17.10
N THR A 209 14.81 -2.10 -16.98
CA THR A 209 15.55 -1.09 -16.21
C THR A 209 14.71 -0.49 -15.10
N VAL A 210 15.28 -0.36 -13.90
CA VAL A 210 14.69 0.46 -12.84
C VAL A 210 15.28 1.87 -12.80
N LEU A 211 14.46 2.91 -12.98
CA LEU A 211 15.03 4.25 -13.08
C LEU A 211 15.16 4.81 -11.67
N ASP A 212 15.68 6.03 -11.56
CA ASP A 212 16.00 6.54 -10.23
C ASP A 212 15.51 7.97 -10.21
N ASN A 213 14.23 8.13 -10.54
CA ASN A 213 13.62 9.40 -10.89
C ASN A 213 12.48 9.84 -9.96
N TRP A 214 12.41 9.32 -8.74
CA TRP A 214 11.35 9.75 -7.83
C TRP A 214 11.81 10.95 -7.01
N ASP A 215 11.07 12.04 -7.13
CA ASP A 215 11.40 13.27 -6.43
C ASP A 215 10.09 13.81 -5.85
N GLY A 216 9.65 13.31 -4.70
CA GLY A 216 8.28 13.52 -4.21
C GLY A 216 8.22 14.77 -3.34
N LEU A 217 7.06 15.38 -3.21
CA LEU A 217 6.91 16.45 -2.23
C LEU A 217 7.02 15.72 -0.88
N GLY A 218 6.28 14.62 -0.74
CA GLY A 218 6.44 13.68 0.37
C GLY A 218 6.63 12.24 -0.09
N MET A 219 6.55 11.27 0.83
CA MET A 219 6.84 9.85 0.58
C MET A 219 8.20 9.77 -0.13
N ARG A 220 9.12 10.63 0.31
CA ARG A 220 10.36 10.80 -0.42
C ARG A 220 11.25 9.58 -0.42
N ALA A 221 11.11 8.74 0.60
CA ALA A 221 11.97 7.58 0.75
C ALA A 221 11.31 6.30 0.23
N SER A 222 10.18 6.42 -0.45
CA SER A 222 9.37 5.22 -0.74
C SER A 222 9.81 4.51 -2.01
N GLY A 223 10.77 5.11 -2.71
CA GLY A 223 11.32 4.48 -3.92
C GLY A 223 10.33 4.33 -5.06
N THR A 224 9.55 5.39 -5.25
CA THR A 224 8.34 5.30 -6.06
C THR A 224 8.72 5.67 -7.50
N VAL A 225 9.56 4.83 -8.11
CA VAL A 225 10.24 5.23 -9.34
C VAL A 225 9.54 4.61 -10.54
N ASP A 226 10.02 4.95 -11.73
CA ASP A 226 9.56 4.36 -12.98
C ASP A 226 10.33 3.11 -13.39
N ILE A 227 9.70 2.17 -14.09
CA ILE A 227 10.45 0.99 -14.55
C ILE A 227 10.17 0.80 -16.05
N VAL A 228 11.17 0.37 -16.82
CA VAL A 228 11.11 0.37 -18.28
C VAL A 228 11.36 -1.03 -18.85
N PHE A 229 10.58 -1.40 -19.86
CA PHE A 229 10.63 -2.74 -20.44
C PHE A 229 10.94 -2.51 -21.91
N ASP A 230 12.04 -3.10 -22.40
CA ASP A 230 12.48 -2.94 -23.79
C ASP A 230 12.61 -4.38 -24.30
N ASP A 231 11.51 -4.85 -24.88
CA ASP A 231 11.42 -6.23 -25.34
C ASP A 231 11.93 -7.26 -24.31
N CYS A 232 11.36 -7.28 -23.11
CA CYS A 232 11.82 -8.20 -22.07
C CYS A 232 11.21 -9.56 -22.38
N PRO A 233 12.05 -10.59 -22.51
CA PRO A 233 11.52 -11.91 -22.79
C PRO A 233 10.84 -12.47 -21.55
N ILE A 234 9.56 -12.81 -21.66
CA ILE A 234 8.87 -13.46 -20.56
C ILE A 234 8.35 -14.81 -21.03
N PRO A 235 8.71 -15.88 -20.31
CA PRO A 235 8.20 -17.20 -20.61
C PRO A 235 6.70 -17.35 -20.29
N ALA A 236 6.01 -18.23 -21.01
CA ALA A 236 4.55 -18.35 -20.92
C ALA A 236 4.04 -18.65 -19.50
N ASP A 237 4.84 -19.38 -18.73
CA ASP A 237 4.36 -19.73 -17.39
C ASP A 237 4.71 -18.66 -16.37
N HIS A 238 5.09 -17.49 -16.85
CA HIS A 238 5.30 -16.34 -15.97
C HIS A 238 4.30 -15.22 -16.28
N VAL A 239 3.21 -15.64 -16.92
CA VAL A 239 2.16 -14.73 -17.34
C VAL A 239 0.80 -15.21 -16.82
N LEU A 240 0.13 -14.41 -15.99
CA LEU A 240 -1.26 -14.67 -15.64
C LEU A 240 -2.20 -13.91 -16.61
N MET A 241 -2.79 -14.59 -17.57
CA MET A 241 -3.75 -13.97 -18.47
C MET A 241 -5.05 -13.59 -17.76
N ARG A 242 -5.48 -12.33 -17.84
CA ARG A 242 -6.77 -11.98 -17.24
C ARG A 242 -7.82 -12.00 -18.36
N ASP A 243 -8.79 -11.10 -18.37
CA ASP A 243 -9.74 -11.15 -19.49
C ASP A 243 -9.58 -10.05 -20.53
N PRO A 244 -10.42 -10.10 -21.58
CA PRO A 244 -10.52 -9.17 -22.70
C PRO A 244 -9.96 -7.76 -22.54
N ALA A 247 -14.51 -4.98 -21.64
CA ALA A 247 -15.37 -6.02 -21.06
C ALA A 247 -15.57 -5.80 -19.56
N ARG A 248 -16.60 -5.04 -19.20
CA ARG A 248 -16.94 -4.77 -17.81
C ARG A 248 -17.06 -6.05 -16.99
N ASN A 249 -16.42 -6.08 -15.84
CA ASN A 249 -16.53 -7.22 -14.93
C ASN A 249 -16.38 -6.80 -13.47
N ASP A 250 -17.48 -6.48 -12.81
CA ASP A 250 -17.45 -5.94 -11.46
C ASP A 250 -16.75 -6.81 -10.41
N ALA A 251 -16.70 -8.12 -10.62
CA ALA A 251 -16.14 -9.03 -9.64
C ALA A 251 -14.67 -8.72 -9.36
N VAL A 252 -14.05 -8.07 -10.33
CA VAL A 252 -12.62 -7.73 -10.32
C VAL A 252 -12.31 -6.62 -9.32
N LEU A 253 -13.33 -5.83 -9.00
CA LEU A 253 -13.24 -4.81 -7.97
C LEU A 253 -12.81 -5.44 -6.67
N ALA A 254 -13.10 -6.72 -6.45
CA ALA A 254 -12.76 -7.28 -5.15
C ALA A 254 -11.24 -7.40 -5.00
N GLY A 255 -10.54 -7.79 -6.06
CA GLY A 255 -9.10 -7.93 -6.02
C GLY A 255 -8.42 -6.57 -5.89
N GLN A 256 -8.98 -5.56 -6.57
CA GLN A 256 -8.42 -4.23 -6.43
C GLN A 256 -8.58 -3.68 -5.03
N THR A 257 -9.62 -4.16 -4.35
CA THR A 257 -9.83 -3.69 -2.99
C THR A 257 -8.80 -4.36 -2.09
N VAL A 258 -8.71 -5.69 -2.19
CA VAL A 258 -7.74 -6.42 -1.40
C VAL A 258 -6.34 -5.82 -1.63
N SER A 259 -6.03 -5.52 -2.89
CA SER A 259 -4.73 -4.91 -3.21
C SER A 259 -4.40 -3.59 -2.55
N SER A 260 -5.39 -2.78 -2.18
CA SER A 260 -5.08 -1.40 -1.81
C SER A 260 -5.68 -0.89 -0.51
N VAL A 261 -6.73 -1.53 -0.02
CA VAL A 261 -7.52 -0.98 1.09
C VAL A 261 -6.76 -0.86 2.41
N SER A 262 -5.78 -1.74 2.61
CA SER A 262 -5.07 -1.70 3.87
C SER A 262 -4.13 -0.51 4.02
N VAL A 263 -3.78 0.08 2.89
CA VAL A 263 -2.94 1.27 2.86
C VAL A 263 -3.57 2.46 3.60
N LEU A 264 -4.86 2.39 3.93
CA LEU A 264 -5.53 3.41 4.72
C LEU A 264 -4.87 3.48 6.10
N GLY A 265 -4.37 2.37 6.63
CA GLY A 265 -3.63 2.36 7.89
C GLY A 265 -2.43 3.30 7.89
N VAL A 266 -1.83 3.52 6.72
CA VAL A 266 -0.66 4.41 6.59
C VAL A 266 -1.03 5.84 7.02
N TYR A 267 -2.14 6.32 6.48
CA TYR A 267 -2.54 7.74 6.64
C TYR A 267 -3.13 7.89 8.03
N VAL A 268 -3.77 6.83 8.53
CA VAL A 268 -4.18 6.87 9.92
C VAL A 268 -2.96 6.97 10.86
N GLY A 269 -1.88 6.24 10.58
CA GLY A 269 -0.68 6.34 11.44
C GLY A 269 0.00 7.70 11.39
N VAL A 270 0.06 8.30 10.19
CA VAL A 270 0.53 9.68 10.04
C VAL A 270 -0.27 10.67 10.91
N ALA A 271 -1.59 10.59 10.84
CA ALA A 271 -2.38 11.46 11.72
C ALA A 271 -2.10 11.20 13.20
N GLN A 272 -1.96 9.93 13.57
CA GLN A 272 -1.67 9.62 14.97
C GLN A 272 -0.34 10.24 15.43
N ALA A 273 0.67 10.20 14.57
CA ALA A 273 2.02 10.59 14.96
C ALA A 273 1.99 12.11 15.04
N ALA A 274 1.23 12.79 14.19
CA ALA A 274 1.07 14.24 14.32
C ALA A 274 0.43 14.65 15.65
N TYR A 275 -0.65 13.97 16.02
CA TYR A 275 -1.34 14.28 17.26
C TYR A 275 -0.40 14.04 18.46
N ASP A 276 0.29 12.90 18.46
CA ASP A 276 1.20 12.53 19.55
C ASP A 276 2.30 13.55 19.73
N THR A 277 2.84 14.04 18.61
CA THR A 277 3.81 15.14 18.59
C THR A 277 3.29 16.46 19.16
N ALA A 278 2.07 16.83 18.74
CA ALA A 278 1.44 18.04 19.23
C ALA A 278 1.19 17.97 20.73
N VAL A 279 0.65 16.85 21.21
CA VAL A 279 0.33 16.70 22.63
C VAL A 279 1.62 16.76 23.45
N ALA A 280 2.66 16.04 23.02
CA ALA A 280 3.94 16.06 23.72
C ALA A 280 4.46 17.50 23.80
N ALA A 281 4.38 18.23 22.68
CA ALA A 281 4.78 19.63 22.67
C ALA A 281 4.01 20.48 23.69
N LEU A 282 2.72 20.25 23.85
CA LEU A 282 1.94 21.07 24.76
C LEU A 282 2.29 20.74 26.21
N GLU A 283 2.53 19.46 26.48
CA GLU A 283 2.89 19.05 27.83
C GLU A 283 4.27 19.53 28.26
N ARG A 284 5.12 19.93 27.32
CA ARG A 284 6.49 20.29 27.67
C ARG A 284 6.52 21.74 28.11
N ARG A 285 5.40 22.43 27.98
CA ARG A 285 5.45 23.86 28.22
C ARG A 285 5.13 24.24 29.66
N PRO A 286 5.85 25.25 30.19
CA PRO A 286 5.55 25.77 31.52
C PRO A 286 4.12 26.31 31.63
N GLU A 287 3.70 27.08 30.62
CA GLU A 287 2.34 27.63 30.63
C GLU A 287 1.29 26.56 30.32
N PRO A 288 0.12 26.67 30.96
CA PRO A 288 -1.03 25.85 30.64
C PRO A 288 -1.55 26.32 29.26
N PRO A 289 -2.15 25.41 28.49
CA PRO A 289 -2.55 25.73 27.12
C PRO A 289 -3.62 26.82 27.07
N GLN A 290 -3.55 27.69 26.08
CA GLN A 290 -4.62 28.65 25.83
C GLN A 290 -5.97 28.07 25.37
N ALA A 291 -7.01 28.89 25.46
CA ALA A 291 -8.37 28.48 25.18
C ALA A 291 -8.44 27.83 23.77
N ALA A 292 -7.82 28.45 22.77
CA ALA A 292 -7.88 27.87 21.43
C ALA A 292 -7.13 26.55 21.30
N ALA A 293 -6.12 26.34 22.14
CA ALA A 293 -5.33 25.12 22.07
C ALA A 293 -6.15 23.99 22.67
N LEU A 294 -6.91 24.29 23.72
CA LEU A 294 -7.70 23.23 24.38
C LEU A 294 -8.79 22.80 23.40
N THR A 295 -9.32 23.76 22.66
CA THR A 295 -10.44 23.48 21.76
C THR A 295 -9.93 22.65 20.58
N LEU A 296 -8.82 23.03 19.95
CA LEU A 296 -8.11 22.22 18.94
C LEU A 296 -7.82 20.78 19.37
N VAL A 297 -7.30 20.63 20.59
CA VAL A 297 -7.01 19.31 21.11
C VAL A 297 -8.29 18.47 21.16
N ALA A 298 -9.41 19.04 21.60
CA ALA A 298 -10.64 18.25 21.72
C ALA A 298 -11.08 17.95 20.28
N GLU A 299 -10.97 18.89 19.35
CA GLU A 299 -11.47 18.68 17.99
C GLU A 299 -10.66 17.59 17.29
N ILE A 300 -9.34 17.68 17.40
CA ILE A 300 -8.47 16.63 16.89
C ILE A 300 -8.71 15.26 17.49
N ASP A 301 -8.86 15.21 18.81
CA ASP A 301 -9.11 13.95 19.49
C ASP A 301 -10.36 13.29 18.88
N SER A 302 -11.39 14.09 18.64
CA SER A 302 -12.61 13.50 18.07
C SER A 302 -12.49 13.17 16.57
N ARG A 303 -11.83 14.03 15.81
CA ARG A 303 -11.54 13.75 14.39
C ARG A 303 -10.68 12.51 14.15
N LEU A 304 -9.63 12.34 14.95
CA LEU A 304 -8.81 11.14 14.93
C LEU A 304 -9.64 9.89 15.26
N TYR A 305 -10.50 9.98 16.27
CA TYR A 305 -11.44 8.88 16.55
C TYR A 305 -12.30 8.49 15.35
N ALA A 306 -12.91 9.48 14.70
CA ALA A 306 -13.75 9.26 13.54
C ALA A 306 -12.86 8.74 12.41
N LEU A 307 -11.61 9.20 12.28
CA LEU A 307 -10.72 8.68 11.25
C LEU A 307 -10.44 7.19 11.43
N ARG A 308 -10.01 6.82 12.63
CA ARG A 308 -9.80 5.43 12.99
C ARG A 308 -11.06 4.55 12.84
N ALA A 309 -12.23 5.09 13.20
CA ALA A 309 -13.42 4.25 13.24
C ALA A 309 -13.79 4.01 11.77
N THR A 310 -13.56 4.97 10.89
CA THR A 310 -14.00 4.84 9.50
C THR A 310 -13.10 3.86 8.73
N ALA A 311 -11.78 4.00 8.85
CA ALA A 311 -10.83 3.08 8.26
C ALA A 311 -11.04 1.68 8.85
N GLY A 312 -11.11 1.62 10.18
CA GLY A 312 -11.31 0.35 10.86
C GLY A 312 -12.55 -0.37 10.40
N SER A 313 -13.70 0.31 10.31
CA SER A 313 -14.93 -0.38 9.95
C SER A 313 -14.92 -0.85 8.49
N ALA A 314 -14.35 -0.05 7.58
CA ALA A 314 -14.33 -0.45 6.17
C ALA A 314 -13.37 -1.64 6.04
N LEU A 315 -12.33 -1.69 6.88
CA LEU A 315 -11.44 -2.85 6.87
C LEU A 315 -12.09 -4.12 7.43
N THR A 316 -12.88 -3.97 8.48
CA THR A 316 -13.63 -5.11 9.01
C THR A 316 -14.64 -5.62 8.00
N ALA A 317 -15.40 -4.70 7.40
CA ALA A 317 -16.35 -5.05 6.37
C ALA A 317 -15.66 -5.71 5.18
N ALA A 318 -14.52 -5.17 4.75
CA ALA A 318 -13.82 -5.74 3.62
C ALA A 318 -13.37 -7.18 3.91
N ASP A 319 -12.88 -7.44 5.11
CA ASP A 319 -12.44 -8.78 5.52
C ASP A 319 -13.60 -9.78 5.49
N ALA A 320 -14.78 -9.40 6.01
CA ALA A 320 -16.00 -10.21 5.96
C ALA A 320 -16.41 -10.53 4.52
N LEU A 321 -16.51 -9.54 3.65
CA LEU A 321 -16.88 -9.81 2.26
C LEU A 321 -15.80 -10.62 1.53
N SER A 322 -14.54 -10.38 1.87
CA SER A 322 -13.44 -11.08 1.25
C SER A 322 -13.53 -12.59 1.51
N ALA A 323 -13.80 -12.93 2.76
CA ALA A 323 -13.88 -14.33 3.13
C ALA A 323 -15.10 -15.02 2.55
N ASP A 324 -16.11 -14.32 2.04
CA ASP A 324 -17.32 -15.01 1.64
C ASP A 324 -17.41 -15.11 0.13
N LEU A 325 -17.21 -16.32 -0.38
CA LEU A 325 -17.11 -16.53 -1.81
C LEU A 325 -18.39 -17.21 -2.26
N SER A 326 -19.42 -17.18 -1.43
CA SER A 326 -20.53 -18.09 -1.70
C SER A 326 -21.69 -17.42 -2.43
N GLY A 327 -21.47 -16.34 -3.17
CA GLY A 327 -22.63 -15.61 -3.64
C GLY A 327 -22.42 -14.95 -4.98
N ASP A 328 -23.16 -13.88 -5.25
CA ASP A 328 -22.95 -13.14 -6.48
C ASP A 328 -21.62 -12.39 -6.41
N MET A 329 -20.64 -12.86 -7.19
CA MET A 329 -19.30 -12.28 -7.22
C MET A 329 -19.24 -10.85 -7.72
N ASP A 330 -20.12 -10.47 -8.63
CA ASP A 330 -20.21 -9.07 -9.01
C ASP A 330 -20.70 -8.12 -7.92
N GLU A 331 -21.80 -8.46 -7.26
CA GLU A 331 -22.24 -7.74 -6.07
C GLU A 331 -21.14 -7.69 -5.00
N ARG A 332 -20.41 -8.79 -4.83
CA ARG A 332 -19.34 -8.83 -3.84
C ARG A 332 -18.27 -7.76 -4.08
N GLY A 333 -17.85 -7.61 -5.34
CA GLY A 333 -16.84 -6.65 -5.78
C GLY A 333 -17.34 -5.22 -5.72
N ARG A 334 -18.59 -4.96 -6.08
CA ARG A 334 -19.15 -3.62 -5.92
C ARG A 334 -19.21 -3.26 -4.43
N GLN A 335 -19.57 -4.20 -3.57
CA GLN A 335 -19.70 -3.84 -2.17
C GLN A 335 -18.32 -3.58 -1.57
N MET A 336 -17.33 -4.40 -1.91
CA MET A 336 -16.00 -4.20 -1.35
C MET A 336 -15.45 -2.84 -1.77
N MET A 337 -15.61 -2.49 -3.04
CA MET A 337 -15.10 -1.23 -3.54
C MET A 337 -15.82 0.01 -2.97
N ARG A 338 -17.12 -0.13 -2.75
CA ARG A 338 -17.90 0.93 -2.14
C ARG A 338 -17.48 1.15 -0.67
N HIS A 339 -17.34 0.13 0.14
CA HIS A 339 -16.73 0.32 1.45
C HIS A 339 -15.36 1.00 1.36
N PHE A 340 -14.47 0.52 0.48
CA PHE A 340 -13.14 1.09 0.28
C PHE A 340 -13.27 2.57 -0.08
N GLN A 341 -14.02 2.87 -1.14
CA GLN A 341 -14.04 4.25 -1.58
C GLN A 341 -14.73 5.28 -0.65
N CYS A 342 -15.79 4.87 0.03
CA CYS A 342 -16.44 5.75 0.99
C CYS A 342 -15.41 6.13 2.07
N ALA A 343 -14.72 5.12 2.58
CA ALA A 343 -13.73 5.33 3.66
C ALA A 343 -12.51 6.12 3.18
N LYS A 344 -12.04 5.84 1.98
CA LYS A 344 -10.90 6.55 1.40
C LYS A 344 -11.13 8.04 1.27
N LEU A 345 -12.29 8.44 0.77
CA LEU A 345 -12.58 9.86 0.65
C LEU A 345 -12.56 10.54 2.02
N ALA A 346 -13.16 9.91 3.02
CA ALA A 346 -13.15 10.45 4.39
C ALA A 346 -11.73 10.50 4.91
N VAL A 347 -10.97 9.41 4.74
CA VAL A 347 -9.58 9.42 5.21
C VAL A 347 -8.74 10.58 4.63
N ASN A 348 -8.84 10.78 3.31
CA ASN A 348 -8.10 11.81 2.60
C ASN A 348 -8.53 13.24 2.92
N ARG A 349 -9.69 13.42 3.53
CA ARG A 349 -10.02 14.74 4.07
CA ARG A 349 -10.12 14.70 4.09
C ARG A 349 -9.66 14.81 5.55
N LEU A 350 -9.97 13.79 6.33
CA LEU A 350 -9.69 13.92 7.75
C LEU A 350 -8.20 13.90 8.11
N ALA A 351 -7.43 12.97 7.54
CA ALA A 351 -6.04 12.89 7.94
C ALA A 351 -5.27 14.18 7.67
N PRO A 352 -5.34 14.76 6.46
CA PRO A 352 -4.59 16.03 6.34
C PRO A 352 -5.07 17.18 7.23
N GLU A 353 -6.37 17.23 7.51
CA GLU A 353 -6.91 18.25 8.42
C GLU A 353 -6.32 18.09 9.81
N ILE A 354 -6.35 16.89 10.35
CA ILE A 354 -5.68 16.69 11.63
C ILE A 354 -4.22 17.16 11.63
N VAL A 355 -3.47 16.75 10.61
CA VAL A 355 -2.04 17.04 10.63
C VAL A 355 -1.92 18.56 10.61
N SER A 356 -2.65 19.20 9.70
CA SER A 356 -2.60 20.65 9.63
C SER A 356 -2.92 21.33 10.97
N ASP A 357 -3.97 20.89 11.66
CA ASP A 357 -4.31 21.53 12.93
C ASP A 357 -3.23 21.36 13.99
N CYS A 358 -2.46 20.28 13.93
CA CYS A 358 -1.34 20.00 14.82
C CYS A 358 -0.22 21.04 14.75
N LEU A 359 -0.02 21.59 13.56
CA LEU A 359 0.95 22.65 13.36
C LEU A 359 0.52 23.93 14.06
N SER A 360 -0.79 24.18 14.08
CA SER A 360 -1.29 25.30 14.88
C SER A 360 -1.00 25.08 16.37
N LEU A 361 -1.08 23.86 16.90
CA LEU A 361 -0.73 23.64 18.31
C LEU A 361 0.75 23.86 18.62
N VAL A 362 1.65 23.27 17.84
CA VAL A 362 3.07 23.46 18.05
C VAL A 362 3.55 24.88 17.73
N GLY A 363 3.00 25.53 16.71
CA GLY A 363 3.38 26.86 16.25
C GLY A 363 4.61 26.84 15.37
N GLY A 364 5.33 27.97 15.28
CA GLY A 364 6.35 28.26 14.26
C GLY A 364 7.48 27.27 14.10
N ALA A 365 7.88 26.61 15.19
CA ALA A 365 8.90 25.56 15.09
C ALA A 365 8.50 24.47 14.08
N SER A 366 7.21 24.22 13.87
CA SER A 366 6.81 23.16 12.96
C SER A 366 6.98 23.56 11.50
N TYR A 367 7.30 24.83 11.22
CA TYR A 367 7.52 25.31 9.85
C TYR A 367 8.98 25.29 9.36
N THR A 368 9.88 24.69 10.14
CA THR A 368 11.26 24.64 9.66
C THR A 368 11.38 23.23 9.10
N ALA A 369 12.29 23.06 8.15
CA ALA A 369 12.31 21.91 7.27
C ALA A 369 12.54 20.61 8.03
N GLY A 370 13.29 20.66 9.13
CA GLY A 370 13.60 19.46 9.89
C GLY A 370 12.56 19.01 10.91
N HIS A 371 11.55 19.81 11.24
CA HIS A 371 10.63 19.38 12.28
C HIS A 371 9.81 18.23 11.71
N PRO A 372 9.52 17.19 12.52
CA PRO A 372 8.69 16.07 12.09
C PRO A 372 7.34 16.46 11.51
N LEU A 373 6.68 17.49 12.03
CA LEU A 373 5.35 17.83 11.54
C LEU A 373 5.41 18.30 10.07
N ALA A 374 6.54 18.88 9.69
CA ALA A 374 6.71 19.48 8.37
C ALA A 374 6.80 18.32 7.40
N ARG A 375 7.44 17.23 7.82
CA ARG A 375 7.42 16.04 6.97
C ARG A 375 6.05 15.34 6.92
N LEU A 376 5.36 15.25 8.04
CA LEU A 376 4.03 14.61 8.12
C LEU A 376 3.05 15.40 7.26
N LEU A 377 3.18 16.72 7.25
CA LEU A 377 2.30 17.47 6.36
C LEU A 377 2.48 17.13 4.87
N ARG A 378 3.74 16.94 4.46
CA ARG A 378 3.97 16.45 3.11
C ARG A 378 3.55 15.00 2.90
N ASP A 379 3.91 14.10 3.81
CA ASP A 379 3.58 12.70 3.53
C ASP A 379 2.08 12.47 3.54
N VAL A 380 1.36 13.21 4.38
CA VAL A 380 -0.06 12.88 4.57
C VAL A 380 -0.89 13.17 3.31
N GLN A 381 -0.34 13.93 2.37
CA GLN A 381 -1.07 14.31 1.15
C GLN A 381 -1.09 13.18 0.11
N ALA A 382 -0.21 12.18 0.24
CA ALA A 382 0.02 11.23 -0.85
C ALA A 382 -1.24 10.38 -1.14
N GLY A 383 -2.09 10.09 -0.16
CA GLY A 383 -3.28 9.24 -0.34
C GLY A 383 -4.27 9.72 -1.40
N ARG A 384 -4.32 11.05 -1.54
CA ARG A 384 -5.20 11.78 -2.44
C ARG A 384 -4.93 11.42 -3.89
N PHE A 385 -3.71 10.99 -4.17
CA PHE A 385 -3.28 10.87 -5.55
C PHE A 385 -3.22 9.39 -5.92
N MET A 386 -3.27 8.49 -4.93
CA MET A 386 -3.26 7.05 -5.17
C MET A 386 -4.54 6.43 -5.76
N GLN A 387 -4.41 5.69 -6.85
CA GLN A 387 -5.61 5.14 -7.48
C GLN A 387 -5.67 3.71 -6.94
N PRO A 388 -6.87 3.14 -6.77
CA PRO A 388 -8.15 3.79 -7.04
C PRO A 388 -8.79 4.38 -5.77
N TYR A 389 -9.60 5.42 -5.88
CA TYR A 389 -9.59 6.35 -7.00
C TYR A 389 -9.16 7.69 -6.44
N ALA A 390 -8.51 8.50 -7.25
CA ALA A 390 -8.28 9.89 -6.85
C ALA A 390 -9.63 10.61 -6.78
N TYR A 391 -9.70 11.72 -6.03
CA TYR A 391 -10.95 12.42 -5.71
C TYR A 391 -11.91 12.57 -6.88
N VAL A 392 -11.45 13.18 -7.96
CA VAL A 392 -12.28 13.38 -9.14
C VAL A 392 -12.92 12.12 -9.71
N ASP A 393 -12.14 11.04 -9.85
CA ASP A 393 -12.74 9.74 -10.21
C ASP A 393 -13.56 9.06 -9.13
N ALA A 394 -13.22 9.24 -7.85
CA ALA A 394 -14.02 8.64 -6.80
C ALA A 394 -15.43 9.22 -6.86
N VAL A 395 -15.55 10.50 -7.19
CA VAL A 395 -16.89 11.09 -7.13
C VAL A 395 -17.73 10.47 -8.27
N ASP A 396 -17.13 10.19 -9.43
CA ASP A 396 -17.94 9.56 -10.50
C ASP A 396 -18.33 8.15 -10.11
N PHE A 397 -17.42 7.38 -9.49
CA PHE A 397 -17.74 6.04 -9.03
C PHE A 397 -18.86 6.01 -7.98
N LEU A 398 -18.65 6.77 -6.89
CA LEU A 398 -19.66 6.85 -5.85
C LEU A 398 -21.02 7.37 -6.30
N SER A 399 -21.09 8.44 -7.07
CA SER A 399 -22.42 8.91 -7.44
C SER A 399 -23.07 7.91 -8.41
N ALA A 400 -22.29 7.23 -9.23
CA ALA A 400 -22.81 6.19 -10.13
C ALA A 400 -23.46 5.05 -9.32
N GLN A 401 -22.78 4.60 -8.29
CA GLN A 401 -23.26 3.51 -7.45
C GLN A 401 -24.48 4.00 -6.67
N ALA A 402 -24.46 5.20 -6.11
CA ALA A 402 -25.55 5.62 -5.23
C ALA A 402 -26.83 5.82 -6.06
N LEU A 403 -26.70 6.21 -7.31
CA LEU A 403 -27.87 6.59 -8.09
C LEU A 403 -28.19 5.46 -9.08
N GLY A 404 -27.48 4.34 -8.96
CA GLY A 404 -27.78 3.13 -9.70
C GLY A 404 -27.56 3.41 -11.18
N ILE A 405 -26.65 4.31 -11.49
CA ILE A 405 -26.32 4.52 -12.90
C ILE A 405 -25.46 3.36 -13.40
PA TYD B . -5.31 -6.39 -8.86
O1A TYD B . -4.05 -6.50 -9.69
O2A TYD B . -5.51 -5.26 -7.87
O3A TYD B . -6.59 -6.47 -9.84
PB TYD B . -6.35 -6.09 -11.38
O1B TYD B . -5.41 -4.90 -11.32
O2B TYD B . -7.77 -5.73 -11.74
O3B TYD B . -5.79 -7.38 -11.95
O5' TYD B . -5.65 -7.80 -8.14
C5' TYD B . -5.98 -8.99 -8.84
C4' TYD B . -5.58 -9.98 -7.77
O4' TYD B . -6.49 -9.94 -6.68
C3' TYD B . -5.54 -11.43 -8.24
O3' TYD B . -4.14 -11.71 -8.13
C2' TYD B . -6.21 -12.22 -7.12
C1' TYD B . -6.59 -11.21 -6.03
N1 TYD B . -7.98 -11.42 -5.61
C2 TYD B . -8.30 -11.53 -4.33
O2 TYD B . -7.38 -11.49 -3.47
N3 TYD B . -9.58 -11.72 -3.96
C4 TYD B . -10.57 -11.77 -4.89
O4 TYD B . -11.75 -11.94 -4.52
C5 TYD B . -10.26 -11.65 -6.23
C5M TYD B . -11.28 -11.71 -7.33
C6 TYD B . -8.92 -11.47 -6.57
#